data_9B8E
#
_entry.id   9B8E
#
_cell.length_a   103.416
_cell.length_b   115.836
_cell.length_c   40.878
_cell.angle_alpha   90.000
_cell.angle_beta   90.000
_cell.angle_gamma   90.000
#
_symmetry.space_group_name_H-M   'P 21 21 2'
#
loop_
_entity.id
_entity.type
_entity.pdbx_description
1 polymer Ceg10
2 non-polymer 1,2-ETHANEDIOL
3 non-polymer 'MAGNESIUM ION'
4 non-polymer 'CHLORIDE ION'
5 non-polymer 'ACETATE ION'
6 water water
#
_entity_poly.entity_id   1
_entity_poly.type   'polypeptide(L)'
_entity_poly.pdbx_seq_one_letter_code
;TKKPNQYAALTHSQVQEVKAKVRTVNDKFHLNAEEKKLWELILLGNQLAQNISSCDLPTDNEDDASLVKLTQIFADETLE
RTDLTWLNKILKIALYSRGSGFGN(SNC)QEKAFFVFALLLHQAQKPESLIHSLRLATFNNHFILIVNEQFLMDPWLNLA
FPLSKGNQQLEIGYVFERFGRLVNYFSINQEGQCFTHTVREGGTIERDPSSEKDMANCIHSLLDHRDYFDLSIVSER
;
_entity_poly.pdbx_strand_id   A,B
#
# COMPACT_ATOMS: atom_id res chain seq x y z
N LYS A 3 24.16 -2.00 10.99
CA LYS A 3 24.49 -0.58 11.00
C LYS A 3 23.23 0.22 10.68
N PRO A 4 22.76 1.03 11.62
CA PRO A 4 21.60 1.89 11.32
C PRO A 4 21.92 2.85 10.18
N ASN A 5 20.87 3.31 9.51
CA ASN A 5 21.04 4.26 8.42
C ASN A 5 21.56 5.57 9.00
N GLN A 6 22.81 5.90 8.74
CA GLN A 6 23.35 7.10 9.35
C GLN A 6 22.72 8.38 8.81
N TYR A 7 21.97 8.32 7.71
CA TYR A 7 21.35 9.49 7.11
C TYR A 7 19.86 9.60 7.43
N ALA A 8 19.38 8.83 8.40
CA ALA A 8 17.97 8.89 8.74
C ALA A 8 17.60 10.28 9.26
N ALA A 9 16.48 10.80 8.79
CA ALA A 9 15.95 12.07 9.22
C ALA A 9 14.94 11.94 10.35
N LEU A 10 14.49 10.71 10.64
CA LEU A 10 13.64 10.41 11.78
C LEU A 10 14.15 9.13 12.40
N THR A 11 13.94 9.00 13.70
CA THR A 11 14.29 7.76 14.36
C THR A 11 13.18 6.73 14.19
N HIS A 12 13.51 5.48 14.47
CA HIS A 12 12.49 4.44 14.46
C HIS A 12 11.35 4.81 15.39
N SER A 13 11.68 5.37 16.57
CA SER A 13 10.65 5.71 17.54
C SER A 13 9.72 6.78 17.01
N GLN A 14 10.28 7.79 16.33
CA GLN A 14 9.45 8.83 15.75
C GLN A 14 8.51 8.26 14.71
N VAL A 15 9.00 7.39 13.83
CA VAL A 15 8.14 6.82 12.80
C VAL A 15 7.02 5.99 13.44
N GLN A 16 7.36 5.18 14.43
CA GLN A 16 6.36 4.35 15.08
C GLN A 16 5.28 5.19 15.73
N GLU A 17 5.68 6.30 16.34
CA GLU A 17 4.70 7.16 16.99
C GLU A 17 3.73 7.77 15.98
N VAL A 18 4.23 8.22 14.83
CA VAL A 18 3.35 8.75 13.79
C VAL A 18 2.40 7.68 13.29
N LYS A 19 2.94 6.49 12.99
CA LYS A 19 2.09 5.41 12.50
C LYS A 19 0.98 5.09 13.47
N ALA A 20 1.28 5.08 14.77
CA ALA A 20 0.26 4.78 15.77
C ALA A 20 -0.83 5.82 15.78
N LYS A 21 -0.48 7.10 15.58
CA LYS A 21 -1.48 8.15 15.57
C LYS A 21 -2.33 8.07 14.31
N VAL A 22 -1.72 7.75 13.18
CA VAL A 22 -2.49 7.54 11.95
C VAL A 22 -3.47 6.40 12.14
N ARG A 23 -3.04 5.32 12.78
CA ARG A 23 -3.93 4.20 13.02
C ARG A 23 -5.10 4.63 13.90
N THR A 24 -4.83 5.44 14.92
CA THR A 24 -5.90 5.93 15.76
C THR A 24 -6.93 6.72 14.96
N VAL A 25 -6.47 7.59 14.07
CA VAL A 25 -7.37 8.37 13.25
C VAL A 25 -8.19 7.46 12.36
N ASN A 26 -7.51 6.55 11.65
CA ASN A 26 -8.20 5.73 10.68
C ASN A 26 -9.22 4.82 11.33
N ASP A 27 -8.92 4.31 12.52
CA ASP A 27 -9.87 3.44 13.20
C ASP A 27 -11.14 4.17 13.60
N LYS A 28 -11.07 5.50 13.77
CA LYS A 28 -12.21 6.30 14.22
C LYS A 28 -13.05 6.84 13.08
N PHE A 29 -12.53 6.87 11.86
CA PHE A 29 -13.28 7.40 10.73
C PHE A 29 -14.17 6.34 10.12
N HIS A 30 -15.39 6.73 9.80
CA HIS A 30 -16.24 5.97 8.91
C HIS A 30 -16.49 6.84 7.69
N LEU A 31 -16.25 6.26 6.52
CA LEU A 31 -16.41 6.97 5.25
C LEU A 31 -17.69 6.52 4.58
N ASN A 32 -18.30 7.44 3.83
CA ASN A 32 -19.44 7.07 3.01
C ASN A 32 -18.96 6.41 1.72
N ALA A 33 -19.88 6.00 0.85
CA ALA A 33 -19.50 5.16 -0.28
C ALA A 33 -18.57 5.88 -1.25
N GLU A 34 -18.83 7.16 -1.53
CA GLU A 34 -17.97 7.88 -2.47
C GLU A 34 -16.62 8.18 -1.84
N GLU A 35 -16.61 8.55 -0.56
CA GLU A 35 -15.36 8.76 0.15
C GLU A 35 -14.53 7.48 0.19
N LYS A 36 -15.17 6.33 0.35
CA LYS A 36 -14.45 5.06 0.37
C LYS A 36 -13.77 4.78 -0.97
N LYS A 37 -14.44 5.13 -2.07
CA LYS A 37 -13.82 4.94 -3.38
C LYS A 37 -12.55 5.78 -3.51
N LEU A 38 -12.61 7.05 -3.09
CA LEU A 38 -11.43 7.90 -3.15
C LEU A 38 -10.35 7.42 -2.21
N TRP A 39 -10.75 6.96 -1.01
CA TRP A 39 -9.79 6.42 -0.06
C TRP A 39 -9.02 5.26 -0.65
N GLU A 40 -9.72 4.35 -1.32
CA GLU A 40 -9.03 3.22 -1.95
C GLU A 40 -8.06 3.67 -3.03
N LEU A 41 -8.44 4.68 -3.83
CA LEU A 41 -7.52 5.22 -4.82
C LEU A 41 -6.29 5.80 -4.15
N ILE A 42 -6.48 6.50 -3.04
CA ILE A 42 -5.37 7.10 -2.30
C ILE A 42 -4.44 6.01 -1.76
N LEU A 43 -4.99 4.94 -1.20
CA LEU A 43 -4.13 3.86 -0.69
C LEU A 43 -3.33 3.24 -1.83
N LEU A 44 -3.97 3.02 -2.96
CA LEU A 44 -3.28 2.50 -4.14
C LEU A 44 -2.18 3.45 -4.60
N GLY A 45 -2.47 4.74 -4.67
CA GLY A 45 -1.45 5.68 -5.08
C GLY A 45 -0.25 5.72 -4.16
N ASN A 46 -0.48 5.61 -2.86
CA ASN A 46 0.65 5.57 -1.93
C ASN A 46 1.46 4.30 -2.14
N GLN A 47 0.81 3.17 -2.46
CA GLN A 47 1.57 1.96 -2.75
C GLN A 47 2.43 2.13 -3.98
N LEU A 48 1.87 2.74 -5.03
CA LEU A 48 2.64 2.94 -6.26
C LEU A 48 3.84 3.84 -6.02
N ALA A 49 3.73 4.77 -5.07
CA ALA A 49 4.85 5.62 -4.71
C ALA A 49 6.01 4.83 -4.13
N GLN A 50 5.78 3.61 -3.66
CA GLN A 50 6.86 2.82 -3.10
C GLN A 50 7.75 2.21 -4.16
N ASN A 51 7.47 2.45 -5.45
CA ASN A 51 8.46 2.20 -6.49
C ASN A 51 9.60 3.21 -6.46
N ILE A 52 9.54 4.19 -5.59
CA ILE A 52 10.60 5.17 -5.39
C ILE A 52 11.17 4.96 -4.00
N SER A 53 12.49 4.76 -3.94
CA SER A 53 13.19 4.52 -2.69
C SER A 53 13.82 5.80 -2.18
N SER A 54 13.60 6.07 -0.90
CA SER A 54 14.27 7.17 -0.21
C SER A 54 15.54 6.65 0.45
N CYS A 55 16.33 7.57 0.99
CA CYS A 55 17.52 7.21 1.76
C CYS A 55 17.53 7.81 3.15
N ASP A 56 16.44 8.44 3.59
CA ASP A 56 16.44 9.21 4.82
C ASP A 56 15.44 8.69 5.85
N LEU A 57 14.90 7.51 5.67
CA LEU A 57 14.14 6.88 6.74
C LEU A 57 15.00 5.89 7.49
N PRO A 58 14.65 5.60 8.74
CA PRO A 58 15.46 4.64 9.51
C PRO A 58 15.42 3.24 8.95
N THR A 59 14.43 2.93 8.12
CA THR A 59 14.34 1.65 7.45
C THR A 59 14.95 1.65 6.06
N ASP A 60 15.47 2.79 5.59
CA ASP A 60 16.07 2.84 4.27
C ASP A 60 17.49 2.32 4.30
N ASN A 61 18.03 2.08 3.11
CA ASN A 61 19.39 1.61 2.94
C ASN A 61 20.29 2.82 2.75
N GLU A 62 21.21 3.03 3.68
CA GLU A 62 22.15 4.13 3.61
C GLU A 62 22.89 4.16 2.28
N ASP A 63 23.13 2.99 1.69
CA ASP A 63 23.88 2.96 0.43
C ASP A 63 23.08 3.53 -0.74
N ASP A 64 21.78 3.75 -0.60
CA ASP A 64 21.01 4.37 -1.66
C ASP A 64 21.18 5.89 -1.70
N ALA A 65 21.92 6.48 -0.75
CA ALA A 65 22.05 7.93 -0.73
C ALA A 65 22.66 8.46 -2.02
N SER A 66 23.65 7.76 -2.57
CA SER A 66 24.27 8.27 -3.80
C SER A 66 23.34 8.23 -4.99
N LEU A 67 22.37 7.31 -5.03
CA LEU A 67 21.41 7.29 -6.12
C LEU A 67 20.32 8.34 -5.92
N VAL A 68 19.82 8.47 -4.70
CA VAL A 68 18.89 9.56 -4.41
C VAL A 68 19.52 10.88 -4.80
N LYS A 69 20.82 11.03 -4.55
CA LYS A 69 21.49 12.28 -4.87
C LYS A 69 21.34 12.66 -6.34
N LEU A 70 21.38 11.69 -7.25
CA LEU A 70 21.24 12.06 -8.67
C LEU A 70 19.88 12.68 -8.95
N THR A 71 18.83 12.13 -8.35
CA THR A 71 17.51 12.73 -8.49
C THR A 71 17.46 14.10 -7.82
N GLN A 72 18.11 14.24 -6.66
CA GLN A 72 18.10 15.53 -5.97
C GLN A 72 18.85 16.60 -6.76
N ILE A 73 19.95 16.25 -7.42
CA ILE A 73 20.66 17.22 -8.26
C ILE A 73 19.77 17.67 -9.40
N PHE A 74 19.07 16.72 -10.03
CA PHE A 74 18.15 17.10 -11.10
C PHE A 74 17.04 17.99 -10.58
N ALA A 75 16.49 17.65 -9.41
CA ALA A 75 15.41 18.43 -8.85
C ALA A 75 15.86 19.85 -8.53
N ASP A 76 17.05 19.99 -7.95
CA ASP A 76 17.54 21.32 -7.62
C ASP A 76 17.76 22.14 -8.88
N GLU A 77 18.39 21.55 -9.90
CA GLU A 77 18.60 22.26 -11.16
CA GLU A 77 18.59 22.28 -11.14
C GLU A 77 17.27 22.67 -11.76
N THR A 78 16.30 21.76 -11.75
CA THR A 78 15.00 22.02 -12.36
C THR A 78 14.26 23.14 -11.62
N LEU A 79 14.23 23.07 -10.27
CA LEU A 79 13.50 24.08 -9.51
C LEU A 79 14.07 25.48 -9.68
N GLU A 80 15.37 25.60 -9.98
CA GLU A 80 16.01 26.89 -10.15
C GLU A 80 15.83 27.48 -11.54
N ARG A 81 15.36 26.71 -12.51
CA ARG A 81 15.21 27.22 -13.86
C ARG A 81 14.15 28.32 -13.92
N THR A 82 14.40 29.33 -14.74
CA THR A 82 13.48 30.44 -14.90
C THR A 82 12.61 30.30 -16.14
N ASP A 83 12.82 29.26 -16.94
CA ASP A 83 12.10 29.05 -18.19
C ASP A 83 11.05 27.96 -18.08
N LEU A 84 10.74 27.50 -16.87
CA LEU A 84 9.71 26.49 -16.65
C LEU A 84 8.72 27.00 -15.62
N THR A 85 7.46 26.62 -15.80
CA THR A 85 6.44 26.92 -14.81
C THR A 85 6.61 26.00 -13.60
N TRP A 86 6.01 26.42 -12.48
CA TRP A 86 6.10 25.61 -11.27
C TRP A 86 5.48 24.23 -11.49
N LEU A 87 4.33 24.16 -12.17
CA LEU A 87 3.72 22.87 -12.43
C LEU A 87 4.65 22.00 -13.26
N ASN A 88 5.27 22.57 -14.29
CA ASN A 88 6.18 21.79 -15.12
C ASN A 88 7.35 21.25 -14.30
N LYS A 89 7.93 22.09 -13.43
CA LYS A 89 9.02 21.64 -12.58
C LYS A 89 8.60 20.47 -11.71
N ILE A 90 7.45 20.58 -11.04
CA ILE A 90 6.99 19.52 -10.16
C ILE A 90 6.82 18.22 -10.93
N LEU A 91 6.19 18.31 -12.10
CA LEU A 91 5.93 17.10 -12.88
C LEU A 91 7.21 16.51 -13.46
N LYS A 92 8.16 17.35 -13.88
CA LYS A 92 9.44 16.84 -14.35
C LYS A 92 10.15 16.07 -13.26
N ILE A 93 10.10 16.58 -12.04
CA ILE A 93 10.77 15.90 -10.94
C ILE A 93 10.04 14.59 -10.60
N ALA A 94 8.71 14.61 -10.64
CA ALA A 94 7.95 13.37 -10.42
C ALA A 94 8.38 12.31 -11.43
N LEU A 95 8.47 12.69 -12.70
CA LEU A 95 8.86 11.77 -13.77
C LEU A 95 10.28 11.26 -13.57
N TYR A 96 11.22 12.15 -13.25
CA TYR A 96 12.60 11.71 -13.05
C TYR A 96 12.69 10.77 -11.85
N SER A 97 12.00 11.10 -10.77
CA SER A 97 12.07 10.27 -9.57
C SER A 97 11.47 8.89 -9.81
N ARG A 98 10.29 8.83 -10.47
CA ARG A 98 9.69 7.54 -10.74
C ARG A 98 10.53 6.74 -11.72
N GLY A 99 11.09 7.41 -12.74
CA GLY A 99 11.90 6.70 -13.71
C GLY A 99 13.20 6.18 -13.13
N SER A 100 13.83 6.95 -12.23
CA SER A 100 15.07 6.53 -11.60
C SER A 100 14.84 5.50 -10.52
N GLY A 101 13.69 5.55 -9.84
CA GLY A 101 13.43 4.72 -8.69
C GLY A 101 13.91 5.29 -7.36
N PHE A 102 14.36 6.54 -7.33
CA PHE A 102 14.96 7.13 -6.14
C PHE A 102 14.44 8.53 -5.90
N GLY A 103 14.23 8.85 -4.63
CA GLY A 103 13.74 10.15 -4.25
C GLY A 103 13.30 10.14 -2.80
N ASN A 104 13.42 11.28 -2.14
CA ASN A 104 12.98 11.39 -0.75
C ASN A 104 11.58 12.00 -0.71
N GLN A 106 10.10 14.94 -0.80
CA GLN A 106 9.66 15.91 -1.81
C GLN A 106 9.34 15.20 -3.12
N GLU A 107 10.26 14.35 -3.54
CA GLU A 107 10.07 13.67 -4.83
C GLU A 107 8.88 12.74 -4.79
N LYS A 108 8.68 12.05 -3.66
CA LYS A 108 7.58 11.08 -3.59
C LYS A 108 6.23 11.79 -3.49
N ALA A 109 6.17 12.93 -2.81
CA ALA A 109 4.96 13.75 -2.81
C ALA A 109 4.69 14.28 -4.21
N PHE A 110 5.72 14.73 -4.92
CA PHE A 110 5.49 15.21 -6.28
C PHE A 110 4.98 14.09 -7.17
N PHE A 111 5.49 12.87 -6.97
CA PHE A 111 5.00 11.73 -7.73
C PHE A 111 3.51 11.49 -7.51
N VAL A 112 3.06 11.43 -6.26
CA VAL A 112 1.65 11.20 -6.02
CA VAL A 112 1.64 11.18 -6.03
C VAL A 112 0.79 12.35 -6.54
N PHE A 113 1.28 13.59 -6.43
CA PHE A 113 0.58 14.72 -7.03
C PHE A 113 0.41 14.50 -8.52
N ALA A 114 1.48 14.12 -9.23
CA ALA A 114 1.41 13.86 -10.66
C ALA A 114 0.46 12.72 -10.98
N LEU A 115 0.53 11.64 -10.21
CA LEU A 115 -0.35 10.49 -10.44
C LEU A 115 -1.80 10.89 -10.33
N LEU A 116 -2.14 11.63 -9.27
CA LEU A 116 -3.53 12.00 -9.07
C LEU A 116 -3.98 13.11 -10.01
N LEU A 117 -3.06 13.97 -10.45
CA LEU A 117 -3.40 14.93 -11.49
C LEU A 117 -3.75 14.22 -12.80
N HIS A 118 -2.97 13.21 -13.16
CA HIS A 118 -3.30 12.41 -14.32
C HIS A 118 -4.67 11.78 -14.17
N GLN A 119 -4.94 11.17 -13.01
CA GLN A 119 -6.23 10.52 -12.80
C GLN A 119 -7.38 11.53 -12.84
N ALA A 120 -7.13 12.77 -12.42
CA ALA A 120 -8.16 13.79 -12.40
C ALA A 120 -8.59 14.21 -13.80
N GLN A 121 -7.86 13.84 -14.83
CA GLN A 121 -8.28 14.15 -16.18
C GLN A 121 -9.38 13.22 -16.69
N LYS A 122 -9.63 12.13 -16.01
CA LYS A 122 -10.64 11.21 -16.50
C LYS A 122 -12.03 11.74 -16.20
N PRO A 123 -13.00 11.44 -17.05
CA PRO A 123 -14.37 11.92 -16.84
C PRO A 123 -14.90 11.56 -15.46
N GLU A 124 -15.45 12.56 -14.76
CA GLU A 124 -16.08 12.35 -13.46
C GLU A 124 -15.13 11.67 -12.47
N SER A 125 -13.85 12.03 -12.56
CA SER A 125 -12.90 11.59 -11.56
C SER A 125 -13.35 12.09 -10.18
N LEU A 126 -13.01 11.32 -9.16
CA LEU A 126 -13.29 11.79 -7.81
C LEU A 126 -12.25 12.78 -7.31
N ILE A 127 -11.21 13.08 -8.09
CA ILE A 127 -10.17 14.01 -7.68
CA ILE A 127 -10.18 14.02 -7.67
C ILE A 127 -10.59 15.42 -8.10
N HIS A 128 -10.68 16.34 -7.14
CA HIS A 128 -11.12 17.70 -7.40
C HIS A 128 -10.12 18.77 -7.03
N SER A 129 -9.27 18.55 -6.03
CA SER A 129 -8.24 19.51 -5.68
C SER A 129 -7.04 18.76 -5.14
N LEU A 130 -5.87 19.35 -5.35
CA LEU A 130 -4.60 18.78 -4.92
C LEU A 130 -3.75 19.88 -4.32
N ARG A 131 -3.23 19.66 -3.11
CA ARG A 131 -2.46 20.68 -2.40
C ARG A 131 -1.21 20.06 -1.80
N LEU A 132 -0.05 20.42 -2.34
CA LEU A 132 1.23 20.07 -1.76
C LEU A 132 1.56 21.06 -0.66
N ALA A 133 2.02 20.55 0.49
CA ALA A 133 2.34 21.40 1.63
C ALA A 133 3.43 20.69 2.43
N THR A 134 4.09 21.45 3.30
CA THR A 134 5.29 20.98 3.99
C THR A 134 5.26 21.33 5.46
N PHE A 135 5.72 20.39 6.29
CA PHE A 135 6.12 20.66 7.67
C PHE A 135 7.63 20.80 7.62
N ASN A 136 8.12 22.03 7.62
CA ASN A 136 9.54 22.29 7.39
C ASN A 136 9.94 21.71 6.04
N ASN A 137 10.66 20.59 6.01
CA ASN A 137 11.05 19.94 4.76
C ASN A 137 10.25 18.70 4.45
N HIS A 138 9.26 18.34 5.26
CA HIS A 138 8.49 17.10 5.15
C HIS A 138 7.25 17.39 4.30
N PHE A 139 7.27 16.97 3.04
CA PHE A 139 6.20 17.21 2.08
C PHE A 139 5.10 16.18 2.23
N ILE A 140 3.85 16.65 2.13
CA ILE A 140 2.66 15.82 2.10
C ILE A 140 1.72 16.36 1.01
N LEU A 141 0.67 15.60 0.73
CA LEU A 141 -0.31 15.96 -0.28
C LEU A 141 -1.69 15.89 0.35
N ILE A 142 -2.48 16.95 0.20
CA ILE A 142 -3.86 16.98 0.65
C ILE A 142 -4.76 16.90 -0.58
N VAL A 143 -5.68 15.94 -0.56
CA VAL A 143 -6.54 15.61 -1.69
C VAL A 143 -7.97 16.00 -1.33
N ASN A 144 -8.57 16.85 -2.16
CA ASN A 144 -9.96 17.26 -1.99
C ASN A 144 -10.23 17.96 -0.67
N GLU A 145 -9.18 18.46 -0.02
CA GLU A 145 -9.29 19.00 1.34
C GLU A 145 -9.95 18.01 2.30
N GLN A 146 -9.85 16.71 1.97
CA GLN A 146 -10.52 15.65 2.72
C GLN A 146 -9.58 14.56 3.18
N PHE A 147 -8.39 14.41 2.59
CA PHE A 147 -7.47 13.35 2.95
C PHE A 147 -6.05 13.89 2.89
N LEU A 148 -5.21 13.39 3.79
CA LEU A 148 -3.78 13.66 3.72
C LEU A 148 -3.03 12.39 3.36
N MET A 149 -2.10 12.53 2.40
CA MET A 149 -1.26 11.45 1.96
CA MET A 149 -1.26 11.47 1.87
C MET A 149 0.19 11.78 2.24
N ASP A 150 0.90 10.82 2.83
CA ASP A 150 2.32 10.93 3.13
C ASP A 150 3.01 9.74 2.47
N PRO A 151 3.35 9.85 1.18
CA PRO A 151 3.95 8.70 0.50
C PRO A 151 5.32 8.35 1.03
N TRP A 152 6.04 9.31 1.60
CA TRP A 152 7.33 9.01 2.19
C TRP A 152 7.20 7.93 3.26
N LEU A 153 6.18 8.03 4.09
CA LEU A 153 5.93 7.09 5.16
C LEU A 153 4.94 6.00 4.77
N ASN A 154 4.37 6.07 3.57
CA ASN A 154 3.28 5.17 3.14
C ASN A 154 2.11 5.19 4.14
N LEU A 155 1.66 6.39 4.49
CA LEU A 155 0.56 6.61 5.42
C LEU A 155 -0.40 7.62 4.81
N ALA A 156 -1.66 7.49 5.19
CA ALA A 156 -2.69 8.40 4.77
C ALA A 156 -3.80 8.38 5.81
N PHE A 157 -4.57 9.46 5.84
CA PHE A 157 -5.72 9.51 6.74
C PHE A 157 -6.72 10.54 6.27
N PRO A 158 -8.00 10.37 6.62
CA PRO A 158 -8.99 11.39 6.33
C PRO A 158 -8.89 12.57 7.29
N LEU A 159 -9.51 13.66 6.86
CA LEU A 159 -9.54 14.92 7.58
C LEU A 159 -10.98 15.32 7.86
N SER A 160 -11.24 15.80 9.08
CA SER A 160 -12.59 16.21 9.44
C SER A 160 -13.03 17.42 8.64
N LYS A 161 -14.22 17.35 8.04
CA LYS A 161 -14.69 18.45 7.20
C LYS A 161 -14.83 19.72 8.02
N GLY A 162 -14.29 20.82 7.49
CA GLY A 162 -14.33 22.09 8.20
C GLY A 162 -13.44 22.15 9.42
N ASN A 163 -12.58 21.16 9.63
CA ASN A 163 -11.80 21.06 10.84
C ASN A 163 -10.57 20.19 10.61
N GLN A 164 -9.89 20.41 9.49
CA GLN A 164 -8.81 19.49 9.13
CA GLN A 164 -8.79 19.54 9.09
C GLN A 164 -7.63 19.59 10.07
N GLN A 165 -7.49 20.69 10.82
CA GLN A 165 -6.41 20.79 11.79
CA GLN A 165 -6.38 20.75 11.78
C GLN A 165 -6.54 19.76 12.92
N LEU A 166 -7.73 19.20 13.13
CA LEU A 166 -7.89 18.17 14.16
C LEU A 166 -6.93 17.01 13.91
N GLU A 167 -7.04 16.37 12.75
CA GLU A 167 -6.19 15.20 12.49
C GLU A 167 -4.75 15.60 12.23
N ILE A 168 -4.54 16.69 11.49
CA ILE A 168 -3.17 17.11 11.18
C ILE A 168 -2.43 17.48 12.45
N GLY A 169 -3.08 18.25 13.33
CA GLY A 169 -2.45 18.66 14.57
C GLY A 169 -2.18 17.52 15.53
N TYR A 170 -2.98 16.45 15.44
CA TYR A 170 -2.75 15.27 16.27
C TYR A 170 -1.62 14.43 15.71
N VAL A 171 -1.71 14.03 14.45
CA VAL A 171 -0.72 13.12 13.88
C VAL A 171 0.64 13.79 13.83
N PHE A 172 0.68 15.05 13.40
CA PHE A 172 1.93 15.77 13.19
C PHE A 172 2.22 16.78 14.29
N GLU A 173 1.72 16.53 15.50
CA GLU A 173 2.11 17.34 16.64
C GLU A 173 3.63 17.33 16.75
N ARG A 174 4.21 18.52 16.94
CA ARG A 174 5.64 18.77 17.12
C ARG A 174 6.40 18.79 15.80
N PHE A 175 5.73 18.61 14.66
CA PHE A 175 6.37 18.73 13.36
C PHE A 175 6.36 20.17 12.85
N GLY A 176 5.72 21.09 13.55
CA GLY A 176 5.72 22.48 13.15
C GLY A 176 4.56 22.83 12.25
N ARG A 177 4.61 24.06 11.76
CA ARG A 177 3.52 24.62 10.98
C ARG A 177 3.50 24.03 9.58
N LEU A 178 2.30 23.74 9.10
CA LEU A 178 2.13 23.32 7.72
C LEU A 178 2.08 24.55 6.83
N VAL A 179 2.92 24.56 5.79
CA VAL A 179 3.07 25.69 4.90
C VAL A 179 2.77 25.21 3.49
N ASN A 180 1.91 25.92 2.78
CA ASN A 180 1.55 25.49 1.43
C ASN A 180 2.72 25.63 0.48
N TYR A 181 2.76 24.77 -0.52
CA TYR A 181 3.79 24.78 -1.55
C TYR A 181 3.22 25.00 -2.94
N PHE A 182 2.23 24.21 -3.36
CA PHE A 182 1.62 24.36 -4.67
C PHE A 182 0.26 23.69 -4.62
N SER A 183 -0.74 24.31 -5.23
CA SER A 183 -2.05 23.67 -5.26
C SER A 183 -2.77 23.96 -6.56
N ILE A 184 -3.72 23.09 -6.87
CA ILE A 184 -4.67 23.24 -7.96
C ILE A 184 -6.04 23.03 -7.36
N ASN A 185 -6.94 23.98 -7.57
CA ASN A 185 -8.29 23.90 -7.01
C ASN A 185 -9.25 23.30 -8.02
N GLN A 186 -10.52 23.17 -7.61
CA GLN A 186 -11.52 22.51 -8.44
C GLN A 186 -11.82 23.30 -9.71
N GLU A 187 -11.52 24.59 -9.73
CA GLU A 187 -11.72 25.42 -10.91
CA GLU A 187 -11.72 25.42 -10.91
C GLU A 187 -10.51 25.41 -11.84
N GLY A 188 -9.50 24.59 -11.54
CA GLY A 188 -8.32 24.51 -12.36
C GLY A 188 -7.34 25.63 -12.14
N GLN A 189 -7.53 26.45 -11.11
CA GLN A 189 -6.58 27.52 -10.82
C GLN A 189 -5.41 26.97 -10.01
N CYS A 190 -4.23 27.52 -10.27
CA CYS A 190 -3.00 27.10 -9.63
C CYS A 190 -2.47 28.19 -8.70
N PHE A 191 -1.87 27.77 -7.60
CA PHE A 191 -1.38 28.68 -6.57
C PHE A 191 -0.03 28.20 -6.08
N THR A 192 0.87 29.15 -5.87
CA THR A 192 2.16 28.93 -5.23
C THR A 192 2.14 29.60 -3.86
N HIS A 193 3.26 29.49 -3.17
CA HIS A 193 3.39 30.10 -1.85
C HIS A 193 4.66 30.95 -1.79
N THR A 200 2.80 33.82 1.84
CA THR A 200 1.45 34.11 1.38
C THR A 200 1.16 33.32 0.11
N ILE A 201 -0.11 33.19 -0.24
CA ILE A 201 -0.53 32.43 -1.43
C ILE A 201 -0.61 33.38 -2.62
N GLU A 202 -0.12 32.90 -3.76
CA GLU A 202 -0.08 33.69 -4.98
C GLU A 202 -0.62 32.84 -6.11
N ARG A 203 -1.52 33.40 -6.92
CA ARG A 203 -1.97 32.68 -8.09
C ARG A 203 -0.83 32.52 -9.09
N ASP A 204 -0.88 31.43 -9.85
CA ASP A 204 0.16 31.03 -10.80
C ASP A 204 -0.48 30.88 -12.18
N PRO A 205 -0.77 31.99 -12.86
CA PRO A 205 -1.40 31.87 -14.18
C PRO A 205 -0.53 31.21 -15.24
N SER A 206 0.80 31.26 -15.10
CA SER A 206 1.65 30.61 -16.08
C SER A 206 1.50 29.09 -16.03
N SER A 207 1.40 28.52 -14.82
CA SER A 207 1.15 27.09 -14.74
C SER A 207 -0.21 26.73 -15.31
N GLU A 208 -1.21 27.60 -15.14
CA GLU A 208 -2.52 27.34 -15.73
C GLU A 208 -2.43 27.26 -17.25
N LYS A 209 -1.78 28.25 -17.86
CA LYS A 209 -1.61 28.27 -19.32
C LYS A 209 -0.87 27.02 -19.79
N ASP A 210 0.07 26.53 -18.98
CA ASP A 210 0.94 25.40 -19.29
C ASP A 210 0.32 24.05 -18.94
N MET A 211 -0.88 24.04 -18.33
CA MET A 211 -1.39 22.81 -17.77
CA MET A 211 -1.45 22.82 -17.77
C MET A 211 -1.54 21.72 -18.82
N ALA A 212 -2.15 22.02 -19.96
CA ALA A 212 -2.37 20.98 -20.98
C ALA A 212 -1.06 20.40 -21.46
N ASN A 213 -0.03 21.23 -21.60
CA ASN A 213 1.23 20.73 -22.12
C ASN A 213 1.93 19.89 -21.06
N CYS A 214 1.83 20.29 -19.80
CA CYS A 214 2.41 19.51 -18.72
C CYS A 214 1.80 18.11 -18.66
N ILE A 215 0.47 18.04 -18.71
CA ILE A 215 -0.20 16.75 -18.69
C ILE A 215 0.22 15.91 -19.88
N HIS A 216 0.28 16.51 -21.08
CA HIS A 216 0.63 15.74 -22.27
C HIS A 216 2.06 15.24 -22.24
N SER A 217 3.02 16.17 -22.09
CA SER A 217 4.42 15.89 -22.38
C SER A 217 5.13 15.13 -21.28
N LEU A 218 4.63 15.18 -20.05
CA LEU A 218 5.31 14.51 -18.95
C LEU A 218 4.49 13.38 -18.32
N LEU A 219 3.17 13.35 -18.50
CA LEU A 219 2.34 12.34 -17.86
C LEU A 219 1.74 11.34 -18.82
N ASP A 220 1.25 11.77 -19.97
CA ASP A 220 0.52 10.87 -20.86
C ASP A 220 1.43 9.82 -21.48
N HIS A 221 0.87 8.62 -21.64
CA HIS A 221 1.52 7.49 -22.31
C HIS A 221 2.74 7.01 -21.53
N ARG A 222 2.66 7.10 -20.20
CA ARG A 222 3.69 6.60 -19.31
C ARG A 222 2.99 5.70 -18.29
N ASP A 223 3.22 4.40 -18.42
CA ASP A 223 2.65 3.38 -17.54
C ASP A 223 2.76 3.77 -16.06
N TYR A 224 3.75 4.59 -15.72
CA TYR A 224 3.93 5.09 -14.35
C TYR A 224 2.68 5.74 -13.81
N PHE A 225 2.07 6.59 -14.62
CA PHE A 225 1.12 7.58 -14.14
C PHE A 225 -0.30 7.18 -14.47
N ASP A 226 -0.51 5.98 -14.97
CA ASP A 226 -1.83 5.52 -15.40
C ASP A 226 -2.31 4.42 -14.46
N LEU A 227 -3.59 4.51 -14.08
CA LEU A 227 -4.27 3.51 -13.27
C LEU A 227 -5.40 2.93 -14.09
N SER A 228 -5.66 1.65 -13.91
CA SER A 228 -6.66 0.92 -14.68
C SER A 228 -7.79 0.34 -13.84
N ILE A 229 -7.54 0.04 -12.57
CA ILE A 229 -8.57 -0.56 -11.73
C ILE A 229 -9.78 0.36 -11.59
N VAL A 230 -9.58 1.66 -11.78
CA VAL A 230 -10.67 2.62 -11.76
C VAL A 230 -11.24 2.77 -13.17
N LYS B 3 14.79 0.50 21.97
CA LYS B 3 15.39 -0.83 22.09
C LYS B 3 14.78 -1.76 21.06
N PRO B 4 15.55 -2.76 20.59
CA PRO B 4 15.01 -3.70 19.61
C PRO B 4 13.76 -4.40 20.14
N ASN B 5 12.81 -4.66 19.24
CA ASN B 5 11.58 -5.38 19.58
C ASN B 5 11.92 -6.82 19.95
N GLN B 6 11.72 -7.19 21.21
CA GLN B 6 12.08 -8.53 21.67
C GLN B 6 11.23 -9.61 21.03
N TYR B 7 10.12 -9.27 20.38
CA TYR B 7 9.23 -10.26 19.78
C TYR B 7 9.48 -10.42 18.29
N ALA B 8 10.45 -9.71 17.74
CA ALA B 8 10.67 -9.73 16.31
C ALA B 8 11.14 -11.11 15.85
N ALA B 9 10.66 -11.52 14.69
CA ALA B 9 11.01 -12.78 14.05
C ALA B 9 12.09 -12.61 13.00
N LEU B 10 12.35 -11.38 12.56
CA LEU B 10 13.36 -11.06 11.57
C LEU B 10 14.05 -9.78 12.01
N THR B 11 15.28 -9.59 11.54
CA THR B 11 15.99 -8.35 11.79
C THR B 11 15.65 -7.31 10.73
N HIS B 12 15.97 -6.06 11.04
CA HIS B 12 15.85 -5.00 10.05
C HIS B 12 16.59 -5.36 8.77
N SER B 13 17.81 -5.92 8.91
CA SER B 13 18.61 -6.24 7.73
C SER B 13 17.92 -7.27 6.87
N GLN B 14 17.33 -8.30 7.50
CA GLN B 14 16.65 -9.33 6.75
C GLN B 14 15.43 -8.77 6.01
N VAL B 15 14.66 -7.89 6.65
CA VAL B 15 13.50 -7.33 5.97
C VAL B 15 13.93 -6.43 4.82
N GLN B 16 14.94 -5.61 5.02
CA GLN B 16 15.37 -4.70 3.98
C GLN B 16 15.92 -5.47 2.78
N GLU B 17 16.58 -6.60 3.02
CA GLU B 17 17.08 -7.42 1.93
C GLU B 17 15.92 -8.01 1.10
N VAL B 18 14.88 -8.53 1.77
CA VAL B 18 13.71 -9.01 1.03
C VAL B 18 13.09 -7.88 0.22
N LYS B 19 12.92 -6.73 0.84
CA LYS B 19 12.33 -5.60 0.14
C LYS B 19 13.12 -5.24 -1.11
N ALA B 20 14.45 -5.29 -1.03
CA ALA B 20 15.28 -4.95 -2.17
C ALA B 20 15.14 -5.98 -3.29
N LYS B 21 14.95 -7.25 -2.93
CA LYS B 21 14.76 -8.27 -3.95
C LYS B 21 13.40 -8.14 -4.62
N VAL B 22 12.36 -7.80 -3.84
CA VAL B 22 11.05 -7.54 -4.41
C VAL B 22 11.10 -6.38 -5.38
N ARG B 23 11.82 -5.31 -5.01
CA ARG B 23 11.96 -4.18 -5.91
C ARG B 23 12.65 -4.60 -7.22
N THR B 24 13.68 -5.42 -7.14
CA THR B 24 14.34 -5.91 -8.34
C THR B 24 13.35 -6.64 -9.24
N VAL B 25 12.54 -7.51 -8.65
CA VAL B 25 11.57 -8.25 -9.44
C VAL B 25 10.57 -7.31 -10.08
N ASN B 26 10.01 -6.39 -9.30
CA ASN B 26 8.95 -5.53 -9.82
C ASN B 26 9.47 -4.62 -10.92
N ASP B 27 10.71 -4.15 -10.78
CA ASP B 27 11.28 -3.27 -11.81
C ASP B 27 11.47 -3.99 -13.13
N LYS B 28 11.61 -5.32 -13.11
CA LYS B 28 11.84 -6.10 -14.32
C LYS B 28 10.58 -6.59 -14.99
N PHE B 29 9.46 -6.61 -14.28
CA PHE B 29 8.23 -7.13 -14.86
C PHE B 29 7.48 -6.04 -15.61
N HIS B 30 6.88 -6.44 -16.72
CA HIS B 30 5.94 -5.59 -17.44
CA HIS B 30 5.94 -5.60 -17.42
C HIS B 30 4.66 -6.38 -17.59
N LEU B 31 3.58 -5.82 -17.07
CA LEU B 31 2.28 -6.49 -17.06
C LEU B 31 1.42 -5.98 -18.21
N ASN B 32 0.57 -6.86 -18.73
CA ASN B 32 -0.40 -6.44 -19.72
C ASN B 32 -1.58 -5.77 -19.01
N ALA B 33 -2.61 -5.41 -19.78
CA ALA B 33 -3.66 -4.55 -19.23
C ALA B 33 -4.46 -5.25 -18.14
N GLU B 34 -4.85 -6.50 -18.38
CA GLU B 34 -5.64 -7.21 -17.38
C GLU B 34 -4.79 -7.53 -16.17
N GLU B 35 -3.53 -7.90 -16.38
CA GLU B 35 -2.63 -8.16 -15.27
C GLU B 35 -2.44 -6.92 -14.43
N LYS B 36 -2.35 -5.74 -15.06
CA LYS B 36 -2.18 -4.51 -14.30
C LYS B 36 -3.38 -4.24 -13.39
N LYS B 37 -4.60 -4.52 -13.89
CA LYS B 37 -5.78 -4.33 -13.05
C LYS B 37 -5.73 -5.20 -11.82
N LEU B 38 -5.36 -6.47 -11.97
CA LEU B 38 -5.28 -7.35 -10.82
C LEU B 38 -4.16 -6.92 -9.88
N TRP B 39 -3.02 -6.52 -10.44
CA TRP B 39 -1.92 -6.01 -9.64
C TRP B 39 -2.38 -4.86 -8.75
N GLU B 40 -3.15 -3.93 -9.32
CA GLU B 40 -3.60 -2.79 -8.53
C GLU B 40 -4.51 -3.23 -7.40
N LEU B 41 -5.38 -4.20 -7.67
CA LEU B 41 -6.24 -4.74 -6.65
C LEU B 41 -5.42 -5.38 -5.53
N ILE B 42 -4.37 -6.11 -5.91
CA ILE B 42 -3.47 -6.73 -4.94
C ILE B 42 -2.76 -5.68 -4.09
N LEU B 43 -2.26 -4.62 -4.70
CA LEU B 43 -1.62 -3.58 -3.91
C LEU B 43 -2.59 -2.95 -2.94
N LEU B 44 -3.81 -2.70 -3.38
CA LEU B 44 -4.85 -2.16 -2.51
C LEU B 44 -5.17 -3.13 -1.36
N GLY B 45 -5.29 -4.41 -1.65
CA GLY B 45 -5.59 -5.36 -0.59
C GLY B 45 -4.49 -5.42 0.44
N ASN B 46 -3.22 -5.36 0.02
CA ASN B 46 -2.13 -5.32 0.97
C ASN B 46 -2.18 -4.07 1.84
N GLN B 47 -2.55 -2.93 1.27
CA GLN B 47 -2.69 -1.72 2.07
C GLN B 47 -3.78 -1.89 3.11
N LEU B 48 -4.92 -2.46 2.72
CA LEU B 48 -6.03 -2.67 3.65
C LEU B 48 -5.64 -3.62 4.77
N ALA B 49 -4.75 -4.57 4.49
CA ALA B 49 -4.27 -5.48 5.53
C ALA B 49 -3.50 -4.74 6.61
N GLN B 50 -3.02 -3.54 6.34
CA GLN B 50 -2.29 -2.79 7.35
C GLN B 50 -3.19 -2.19 8.41
N ASN B 51 -4.50 -2.36 8.29
CA ASN B 51 -5.37 -2.12 9.44
C ASN B 51 -5.19 -3.17 10.54
N ILE B 52 -4.38 -4.19 10.28
CA ILE B 52 -4.04 -5.20 11.29
C ILE B 52 -2.56 -5.02 11.65
N SER B 53 -2.28 -4.81 12.93
CA SER B 53 -0.93 -4.61 13.43
C SER B 53 -0.37 -5.93 13.94
N SER B 54 0.87 -6.23 13.54
CA SER B 54 1.63 -7.35 14.03
C SER B 54 2.53 -6.88 15.18
N CYS B 55 3.13 -7.85 15.87
CA CYS B 55 4.11 -7.54 16.89
C CYS B 55 5.45 -8.21 16.64
N ASP B 56 5.62 -8.92 15.51
CA ASP B 56 6.82 -9.73 15.29
C ASP B 56 7.69 -9.22 14.15
N LEU B 57 7.50 -8.00 13.72
CA LEU B 57 8.46 -7.37 12.83
C LEU B 57 9.39 -6.46 13.60
N PRO B 58 10.58 -6.21 13.08
CA PRO B 58 11.51 -5.34 13.81
C PRO B 58 11.02 -3.91 13.92
N THR B 59 10.12 -3.48 13.05
CA THR B 59 9.53 -2.16 13.09
C THR B 59 8.28 -2.10 13.97
N ASP B 60 7.81 -3.23 14.51
CA ASP B 60 6.60 -3.24 15.30
C ASP B 60 6.87 -2.76 16.72
N ASN B 61 5.79 -2.46 17.43
CA ASN B 61 5.86 -1.99 18.80
C ASN B 61 5.69 -3.19 19.74
N GLU B 62 6.71 -3.46 20.55
CA GLU B 62 6.62 -4.60 21.47
C GLU B 62 5.43 -4.48 22.42
N ASP B 63 4.96 -3.26 22.67
CA ASP B 63 3.82 -3.10 23.56
C ASP B 63 2.53 -3.62 22.95
N ASP B 64 2.48 -3.86 21.63
CA ASP B 64 1.31 -4.47 21.00
C ASP B 64 1.26 -5.98 21.16
N ALA B 65 2.28 -6.60 21.75
CA ALA B 65 2.32 -8.06 21.79
C ALA B 65 1.18 -8.65 22.63
N SER B 66 0.80 -8.00 23.73
CA SER B 66 -0.27 -8.55 24.55
C SER B 66 -1.60 -8.54 23.79
N LEU B 67 -1.80 -7.54 22.92
CA LEU B 67 -3.02 -7.50 22.12
C LEU B 67 -2.99 -8.51 20.98
N VAL B 68 -1.85 -8.64 20.29
CA VAL B 68 -1.74 -9.71 19.30
C VAL B 68 -2.01 -11.07 19.93
N LYS B 69 -1.55 -11.26 21.17
CA LYS B 69 -1.75 -12.54 21.83
C LYS B 69 -3.23 -12.88 21.98
N LEU B 70 -4.10 -11.89 22.23
CA LEU B 70 -5.52 -12.20 22.30
C LEU B 70 -6.03 -12.79 20.99
N THR B 71 -5.61 -12.22 19.86
CA THR B 71 -6.00 -12.79 18.58
C THR B 71 -5.36 -14.14 18.36
N GLN B 72 -4.10 -14.30 18.76
CA GLN B 72 -3.44 -15.58 18.56
C GLN B 72 -4.09 -16.68 19.38
N ILE B 73 -4.55 -16.36 20.59
CA ILE B 73 -5.26 -17.37 21.40
C ILE B 73 -6.54 -17.80 20.69
N PHE B 74 -7.29 -16.83 20.18
CA PHE B 74 -8.50 -17.16 19.42
C PHE B 74 -8.14 -18.01 18.20
N ALA B 75 -7.08 -17.64 17.48
CA ALA B 75 -6.71 -18.41 16.30
C ALA B 75 -6.33 -19.83 16.66
N ASP B 76 -5.55 -20.01 17.73
CA ASP B 76 -5.15 -21.36 18.12
C ASP B 76 -6.37 -22.19 18.51
N GLU B 77 -7.27 -21.62 19.31
CA GLU B 77 -8.45 -22.37 19.71
C GLU B 77 -9.29 -22.72 18.49
N THR B 78 -9.37 -21.81 17.52
CA THR B 78 -10.20 -22.07 16.34
C THR B 78 -9.59 -23.15 15.47
N LEU B 79 -8.28 -23.06 15.22
CA LEU B 79 -7.63 -24.03 14.34
C LEU B 79 -7.69 -25.44 14.89
N GLU B 80 -7.74 -25.60 16.21
CA GLU B 80 -7.76 -26.91 16.84
C GLU B 80 -9.13 -27.58 16.80
N ARG B 81 -10.19 -26.83 16.50
CA ARG B 81 -11.53 -27.39 16.53
C ARG B 81 -11.71 -28.40 15.41
N THR B 82 -12.39 -29.50 15.71
CA THR B 82 -12.72 -30.49 14.69
C THR B 82 -14.12 -30.32 14.14
N ASP B 83 -14.90 -29.36 14.66
CA ASP B 83 -16.26 -29.15 14.20
C ASP B 83 -16.38 -28.01 13.18
N LEU B 84 -15.25 -27.44 12.75
CA LEU B 84 -15.24 -26.37 11.76
C LEU B 84 -14.43 -26.83 10.56
N THR B 85 -14.85 -26.43 9.36
CA THR B 85 -14.06 -26.71 8.18
C THR B 85 -12.85 -25.80 8.16
N TRP B 86 -11.85 -26.19 7.37
CA TRP B 86 -10.65 -25.36 7.25
C TRP B 86 -11.00 -23.98 6.69
N LEU B 87 -11.90 -23.91 5.71
CA LEU B 87 -12.30 -22.62 5.18
C LEU B 87 -12.94 -21.76 6.26
N ASN B 88 -13.85 -22.34 7.04
CA ASN B 88 -14.50 -21.57 8.11
C ASN B 88 -13.48 -21.09 9.13
N LYS B 89 -12.51 -21.93 9.50
CA LYS B 89 -11.47 -21.53 10.44
C LYS B 89 -10.71 -20.31 9.91
N ILE B 90 -10.30 -20.36 8.64
CA ILE B 90 -9.51 -19.28 8.04
C ILE B 90 -10.32 -17.98 8.04
N LEU B 91 -11.58 -18.06 7.66
CA LEU B 91 -12.37 -16.83 7.56
C LEU B 91 -12.73 -16.30 8.93
N LYS B 92 -13.00 -17.18 9.89
CA LYS B 92 -13.27 -16.71 11.25
C LYS B 92 -12.08 -15.95 11.80
N ILE B 93 -10.88 -16.45 11.57
CA ILE B 93 -9.67 -15.79 12.06
C ILE B 93 -9.44 -14.48 11.32
N ALA B 94 -9.69 -14.46 10.00
CA ALA B 94 -9.61 -13.21 9.25
C ALA B 94 -10.52 -12.16 9.84
N LEU B 95 -11.75 -12.55 10.16
CA LEU B 95 -12.72 -11.61 10.71
C LEU B 95 -12.30 -11.12 12.10
N TYR B 96 -11.86 -12.04 12.97
CA TYR B 96 -11.45 -11.65 14.32
C TYR B 96 -10.26 -10.71 14.25
N SER B 97 -9.28 -11.02 13.39
CA SER B 97 -8.08 -10.21 13.32
C SER B 97 -8.39 -8.83 12.76
N ARG B 98 -9.20 -8.75 11.70
CA ARG B 98 -9.51 -7.43 11.17
C ARG B 98 -10.31 -6.63 12.18
N GLY B 99 -11.24 -7.29 12.87
CA GLY B 99 -12.02 -6.59 13.89
C GLY B 99 -11.21 -6.14 15.08
N SER B 100 -10.25 -6.96 15.52
CA SER B 100 -9.44 -6.57 16.67
C SER B 100 -8.39 -5.54 16.30
N GLY B 101 -7.92 -5.57 15.06
CA GLY B 101 -6.83 -4.74 14.63
C GLY B 101 -5.45 -5.33 14.87
N PHE B 102 -5.35 -6.60 15.28
CA PHE B 102 -4.09 -7.20 15.68
C PHE B 102 -3.96 -8.61 15.12
N GLY B 103 -2.76 -8.93 14.69
CA GLY B 103 -2.49 -10.24 14.14
C GLY B 103 -1.14 -10.25 13.46
N ASN B 104 -0.50 -11.40 13.43
CA ASN B 104 0.80 -11.53 12.79
C ASN B 104 0.59 -12.10 11.37
N GLN B 106 0.13 -14.99 9.86
CA GLN B 106 -0.94 -15.94 9.58
C GLN B 106 -2.27 -15.19 9.48
N GLU B 107 -2.54 -14.34 10.47
CA GLU B 107 -3.79 -13.58 10.48
C GLU B 107 -3.89 -12.65 9.30
N LYS B 108 -2.80 -11.96 8.96
CA LYS B 108 -2.86 -11.00 7.87
C LYS B 108 -3.01 -11.69 6.52
N ALA B 109 -2.36 -12.85 6.34
CA ALA B 109 -2.57 -13.62 5.12
C ALA B 109 -4.00 -14.13 5.04
N PHE B 110 -4.55 -14.62 6.15
CA PHE B 110 -5.95 -15.05 6.16
C PHE B 110 -6.87 -13.89 5.81
N PHE B 111 -6.57 -12.69 6.32
CA PHE B 111 -7.39 -11.52 5.99
C PHE B 111 -7.40 -11.24 4.49
N VAL B 112 -6.23 -11.23 3.85
CA VAL B 112 -6.24 -10.90 2.41
CA VAL B 112 -6.23 -10.91 2.43
C VAL B 112 -6.90 -12.03 1.63
N PHE B 113 -6.73 -13.28 2.06
CA PHE B 113 -7.44 -14.39 1.45
C PHE B 113 -8.95 -14.12 1.49
N ALA B 114 -9.47 -13.78 2.68
CA ALA B 114 -10.89 -13.53 2.82
C ALA B 114 -11.36 -12.36 1.96
N LEU B 115 -10.59 -11.27 1.95
CA LEU B 115 -10.92 -10.11 1.14
C LEU B 115 -11.02 -10.48 -0.34
N LEU B 116 -10.03 -11.22 -0.83
CA LEU B 116 -10.04 -11.56 -2.25
C LEU B 116 -11.06 -12.65 -2.56
N LEU B 117 -11.35 -13.55 -1.62
CA LEU B 117 -12.42 -14.51 -1.84
C LEU B 117 -13.77 -13.81 -1.97
N HIS B 118 -14.00 -12.78 -1.14
CA HIS B 118 -15.23 -12.01 -1.26
C HIS B 118 -15.28 -11.31 -2.62
N GLN B 119 -14.17 -10.71 -3.04
CA GLN B 119 -14.14 -10.04 -4.33
C GLN B 119 -14.40 -11.03 -5.47
N ALA B 120 -13.91 -12.27 -5.31
CA ALA B 120 -14.05 -13.26 -6.36
C ALA B 120 -15.48 -13.67 -6.61
N GLN B 121 -16.40 -13.33 -5.70
CA GLN B 121 -17.81 -13.68 -5.92
C GLN B 121 -18.50 -12.75 -6.90
N LYS B 122 -17.88 -11.65 -7.23
CA LYS B 122 -18.51 -10.68 -8.12
C LYS B 122 -18.41 -11.17 -9.56
N PRO B 123 -19.40 -10.86 -10.40
CA PRO B 123 -19.34 -11.30 -11.80
C PRO B 123 -18.14 -10.69 -12.51
N GLU B 124 -17.46 -11.53 -13.30
CA GLU B 124 -16.31 -11.08 -14.07
C GLU B 124 -15.19 -10.56 -13.17
N SER B 125 -15.14 -11.04 -11.93
CA SER B 125 -13.99 -10.75 -11.09
C SER B 125 -12.73 -11.29 -11.75
N LEU B 126 -11.61 -10.60 -11.53
CA LEU B 126 -10.34 -11.08 -12.05
C LEU B 126 -9.68 -12.12 -11.15
N ILE B 127 -10.26 -12.40 -9.98
CA ILE B 127 -9.72 -13.36 -9.03
CA ILE B 127 -9.70 -13.37 -9.05
C ILE B 127 -10.24 -14.75 -9.41
N HIS B 128 -9.32 -15.67 -9.69
CA HIS B 128 -9.66 -17.02 -10.11
C HIS B 128 -9.12 -18.12 -9.21
N SER B 129 -8.00 -17.91 -8.54
CA SER B 129 -7.50 -18.92 -7.61
C SER B 129 -6.75 -18.23 -6.48
N LEU B 130 -6.77 -18.86 -5.31
CA LEU B 130 -6.14 -18.32 -4.13
C LEU B 130 -5.46 -19.46 -3.38
N ARG B 131 -4.18 -19.30 -3.07
CA ARG B 131 -3.39 -20.35 -2.45
C ARG B 131 -2.60 -19.77 -1.30
N LEU B 132 -2.98 -20.15 -0.08
CA LEU B 132 -2.19 -19.83 1.10
C LEU B 132 -1.07 -20.83 1.25
N ALA B 133 0.11 -20.34 1.60
CA ALA B 133 1.30 -21.17 1.76
C ALA B 133 2.24 -20.49 2.74
N THR B 134 3.20 -21.23 3.28
CA THR B 134 4.10 -20.65 4.27
C THR B 134 5.53 -21.11 4.05
N PHE B 135 6.46 -20.19 4.26
CA PHE B 135 7.86 -20.53 4.46
C PHE B 135 8.02 -20.80 5.95
N ASN B 136 9.25 -20.86 6.43
CA ASN B 136 9.44 -21.01 7.87
C ASN B 136 8.80 -19.81 8.59
N ASN B 137 7.72 -20.04 9.33
CA ASN B 137 7.04 -18.98 10.10
C ASN B 137 6.75 -17.74 9.25
N HIS B 138 6.11 -17.96 8.09
CA HIS B 138 5.90 -16.83 7.18
C HIS B 138 4.83 -17.19 6.15
N PHE B 139 3.58 -16.86 6.45
CA PHE B 139 2.47 -17.10 5.54
C PHE B 139 2.43 -16.04 4.44
N ILE B 140 2.09 -16.49 3.23
CA ILE B 140 1.89 -15.63 2.06
C ILE B 140 0.68 -16.16 1.31
N LEU B 141 0.24 -15.39 0.30
CA LEU B 141 -0.91 -15.72 -0.54
C LEU B 141 -0.50 -15.62 -2.00
N ILE B 142 -0.77 -16.66 -2.77
CA ILE B 142 -0.54 -16.68 -4.22
C ILE B 142 -1.88 -16.52 -4.91
N VAL B 143 -1.98 -15.53 -5.81
CA VAL B 143 -3.23 -15.15 -6.46
C VAL B 143 -3.11 -15.51 -7.93
N ASN B 144 -4.07 -16.28 -8.43
CA ASN B 144 -4.16 -16.66 -9.83
C ASN B 144 -2.92 -17.38 -10.32
N GLU B 145 -2.13 -17.94 -9.41
CA GLU B 145 -0.82 -18.51 -9.75
C GLU B 145 0.04 -17.53 -10.53
N GLN B 146 -0.16 -16.23 -10.29
CA GLN B 146 0.50 -15.17 -11.05
C GLN B 146 1.12 -14.10 -10.19
N PHE B 147 0.74 -13.98 -8.93
CA PHE B 147 1.26 -12.96 -8.04
C PHE B 147 1.41 -13.55 -6.65
N LEU B 148 2.45 -13.11 -5.94
CA LEU B 148 2.62 -13.40 -4.54
C LEU B 148 2.36 -12.15 -3.72
N MET B 149 1.55 -12.31 -2.67
CA MET B 149 1.20 -11.23 -1.77
CA MET B 149 1.13 -11.25 -1.77
C MET B 149 1.66 -11.58 -0.37
N ASP B 150 2.38 -10.64 0.25
CA ASP B 150 2.91 -10.81 1.60
C ASP B 150 2.40 -9.64 2.44
N PRO B 151 1.19 -9.75 3.00
CA PRO B 151 0.65 -8.62 3.76
C PRO B 151 1.42 -8.33 5.01
N TRP B 152 2.09 -9.32 5.59
CA TRP B 152 2.91 -9.08 6.78
C TRP B 152 3.97 -8.04 6.52
N LEU B 153 4.62 -8.11 5.36
CA LEU B 153 5.67 -7.18 4.99
C LEU B 153 5.15 -6.03 4.11
N ASN B 154 3.87 -6.09 3.70
CA ASN B 154 3.31 -5.14 2.72
C ASN B 154 4.13 -5.13 1.44
N LEU B 155 4.34 -6.31 0.89
CA LEU B 155 5.08 -6.51 -0.34
C LEU B 155 4.31 -7.46 -1.24
N ALA B 156 4.51 -7.32 -2.55
CA ALA B 156 3.90 -8.21 -3.53
C ALA B 156 4.75 -8.18 -4.78
N PHE B 157 4.67 -9.25 -5.58
CA PHE B 157 5.37 -9.27 -6.85
C PHE B 157 4.74 -10.29 -7.78
N PRO B 158 4.89 -10.10 -9.09
CA PRO B 158 4.40 -11.09 -10.05
C PRO B 158 5.34 -12.30 -10.12
N LEU B 159 4.80 -13.37 -10.70
CA LEU B 159 5.47 -14.64 -10.86
C LEU B 159 5.51 -15.00 -12.34
N SER B 160 6.67 -15.48 -12.78
CA SER B 160 6.82 -15.87 -14.19
C SER B 160 5.94 -17.07 -14.53
N LYS B 161 5.18 -16.97 -15.61
CA LYS B 161 4.28 -18.04 -16.02
C LYS B 161 5.05 -19.33 -16.29
N GLY B 162 4.59 -20.42 -15.70
CA GLY B 162 5.23 -21.70 -15.85
C GLY B 162 6.56 -21.83 -15.13
N ASN B 163 6.93 -20.85 -14.33
CA ASN B 163 8.23 -20.82 -13.69
C ASN B 163 8.17 -19.95 -12.44
N GLN B 164 7.12 -20.13 -11.64
CA GLN B 164 6.87 -19.28 -10.48
CA GLN B 164 6.91 -19.23 -10.50
C GLN B 164 8.02 -19.35 -9.47
N GLN B 165 8.70 -20.47 -9.40
CA GLN B 165 9.80 -20.64 -8.46
CA GLN B 165 9.77 -20.59 -8.41
C GLN B 165 10.93 -19.67 -8.71
N LEU B 166 11.01 -19.11 -9.92
CA LEU B 166 12.07 -18.14 -10.22
C LEU B 166 12.02 -16.97 -9.24
N GLU B 167 10.91 -16.26 -9.18
CA GLU B 167 10.84 -15.11 -8.30
C GLU B 167 10.77 -15.51 -6.83
N ILE B 168 10.04 -16.57 -6.52
CA ILE B 168 9.92 -17.01 -5.13
C ILE B 168 11.29 -17.43 -4.59
N GLY B 169 12.02 -18.23 -5.37
CA GLY B 169 13.33 -18.68 -4.94
C GLY B 169 14.36 -17.57 -4.84
N TYR B 170 14.18 -16.50 -5.60
CA TYR B 170 15.10 -15.36 -5.50
C TYR B 170 14.76 -14.52 -4.28
N VAL B 171 13.50 -14.10 -4.17
CA VAL B 171 13.12 -13.19 -3.09
C VAL B 171 13.29 -13.88 -1.74
N PHE B 172 12.85 -15.12 -1.62
CA PHE B 172 12.80 -15.84 -0.37
C PHE B 172 13.87 -16.92 -0.28
N GLU B 173 14.98 -16.73 -0.99
CA GLU B 173 16.16 -17.55 -0.77
C GLU B 173 16.49 -17.54 0.72
N ARG B 174 16.71 -18.71 1.28
CA ARG B 174 17.09 -18.89 2.68
C ARG B 174 15.91 -18.86 3.65
N PHE B 175 14.67 -18.62 3.21
CA PHE B 175 13.51 -18.59 4.09
C PHE B 175 12.88 -19.96 4.28
N GLY B 176 13.41 -21.00 3.66
CA GLY B 176 12.88 -22.33 3.79
C GLY B 176 11.93 -22.67 2.66
N ARG B 177 11.57 -23.94 2.62
CA ARG B 177 10.71 -24.42 1.54
C ARG B 177 9.30 -23.84 1.70
N LEU B 178 8.68 -23.56 0.57
CA LEU B 178 7.31 -23.08 0.58
C LEU B 178 6.38 -24.28 0.68
N VAL B 179 5.52 -24.28 1.70
CA VAL B 179 4.64 -25.40 2.01
C VAL B 179 3.20 -24.92 1.86
N ASN B 180 2.43 -25.63 1.06
CA ASN B 180 1.05 -25.21 0.84
C ASN B 180 0.19 -25.45 2.07
N TYR B 181 -0.75 -24.54 2.28
CA TYR B 181 -1.63 -24.57 3.44
C TYR B 181 -3.08 -24.79 3.07
N PHE B 182 -3.64 -23.98 2.18
CA PHE B 182 -5.03 -24.12 1.77
C PHE B 182 -5.17 -23.42 0.43
N SER B 183 -5.94 -24.01 -0.48
CA SER B 183 -6.15 -23.33 -1.74
C SER B 183 -7.56 -23.57 -2.25
N ILE B 184 -8.02 -22.64 -3.09
CA ILE B 184 -9.24 -22.75 -3.86
C ILE B 184 -8.87 -22.44 -5.31
N ASN B 185 -9.29 -23.29 -6.23
CA ASN B 185 -8.97 -23.10 -7.63
C ASN B 185 -10.16 -22.47 -8.37
N GLN B 186 -10.01 -22.31 -9.68
CA GLN B 186 -10.99 -21.60 -10.49
C GLN B 186 -12.29 -22.38 -10.62
N GLU B 187 -12.28 -23.67 -10.32
CA GLU B 187 -13.48 -24.48 -10.31
C GLU B 187 -14.17 -24.47 -8.94
N GLY B 188 -13.63 -23.74 -7.97
CA GLY B 188 -14.18 -23.71 -6.63
C GLY B 188 -13.79 -24.89 -5.79
N GLN B 189 -12.86 -25.73 -6.24
CA GLN B 189 -12.40 -26.88 -5.47
C GLN B 189 -11.40 -26.43 -4.42
N CYS B 190 -11.54 -26.95 -3.21
CA CYS B 190 -10.72 -26.60 -2.06
C CYS B 190 -9.74 -27.71 -1.75
N PHE B 191 -8.53 -27.32 -1.34
CA PHE B 191 -7.47 -28.26 -1.02
C PHE B 191 -6.81 -27.82 0.27
N THR B 192 -6.46 -28.77 1.13
CA THR B 192 -5.93 -28.42 2.43
C THR B 192 -4.71 -29.27 2.73
N HIS B 193 -3.85 -28.72 3.57
CA HIS B 193 -2.66 -29.45 4.00
C HIS B 193 -3.08 -30.66 4.82
N THR B 194 -2.25 -31.69 4.77
CA THR B 194 -2.44 -32.92 5.52
C THR B 194 -1.53 -32.92 6.75
N VAL B 195 -1.73 -33.92 7.60
CA VAL B 195 -0.89 -34.07 8.79
C VAL B 195 0.48 -34.66 8.48
N ARG B 196 0.70 -35.14 7.26
CA ARG B 196 1.95 -35.82 6.93
C ARG B 196 3.06 -34.82 6.61
N THR B 200 1.38 -34.05 -0.53
CA THR B 200 0.92 -32.74 -0.96
C THR B 200 -0.46 -32.45 -0.35
N ILE B 201 -1.00 -31.26 -0.64
CA ILE B 201 -2.33 -30.96 -0.19
C ILE B 201 -3.32 -32.00 -0.74
N GLU B 202 -4.50 -32.05 -0.12
CA GLU B 202 -5.52 -33.01 -0.50
C GLU B 202 -6.87 -32.31 -0.61
N ARG B 203 -7.77 -32.87 -1.41
CA ARG B 203 -9.09 -32.28 -1.59
C ARG B 203 -9.82 -32.18 -0.26
N ASP B 204 -10.59 -31.10 -0.10
CA ASP B 204 -11.29 -30.80 1.15
C ASP B 204 -12.78 -30.64 0.84
N PRO B 205 -13.51 -31.75 0.67
CA PRO B 205 -14.94 -31.63 0.37
C PRO B 205 -15.73 -30.87 1.42
N SER B 206 -15.36 -30.98 2.70
CA SER B 206 -16.11 -30.32 3.75
C SER B 206 -16.09 -28.81 3.58
N SER B 207 -14.93 -28.24 3.24
CA SER B 207 -14.87 -26.80 3.01
C SER B 207 -15.70 -26.40 1.80
N GLU B 208 -15.71 -27.23 0.76
CA GLU B 208 -16.51 -26.93 -0.43
C GLU B 208 -17.99 -26.88 -0.10
N LYS B 209 -18.47 -27.80 0.73
CA LYS B 209 -19.88 -27.80 1.09
C LYS B 209 -20.22 -26.61 1.97
N ASP B 210 -19.23 -26.13 2.73
CA ASP B 210 -19.39 -25.01 3.65
C ASP B 210 -19.24 -23.65 2.97
N MET B 211 -18.86 -23.63 1.69
CA MET B 211 -18.50 -22.39 1.01
C MET B 211 -19.59 -21.34 1.12
N ALA B 212 -20.82 -21.70 0.76
CA ALA B 212 -21.89 -20.71 0.69
C ALA B 212 -22.14 -20.11 2.07
N ASN B 213 -22.16 -20.95 3.11
CA ASN B 213 -22.40 -20.45 4.46
C ASN B 213 -21.25 -19.57 4.94
N CYS B 214 -20.02 -19.94 4.59
CA CYS B 214 -18.87 -19.15 5.01
C CYS B 214 -18.93 -17.76 4.40
N ILE B 215 -19.18 -17.69 3.10
CA ILE B 215 -19.22 -16.40 2.44
C ILE B 215 -20.32 -15.53 3.05
N HIS B 216 -21.47 -16.12 3.35
CA HIS B 216 -22.58 -15.34 3.88
C HIS B 216 -22.33 -14.89 5.31
N SER B 217 -22.02 -15.85 6.21
CA SER B 217 -22.05 -15.56 7.64
C SER B 217 -20.78 -14.86 8.14
N LEU B 218 -19.69 -14.91 7.39
CA LEU B 218 -18.45 -14.30 7.84
C LEU B 218 -17.95 -13.16 6.97
N LEU B 219 -18.33 -13.09 5.70
CA LEU B 219 -17.80 -12.06 4.80
C LEU B 219 -18.84 -11.04 4.36
N ASP B 220 -20.05 -11.47 4.02
CA ASP B 220 -21.04 -10.56 3.44
C ASP B 220 -21.47 -9.50 4.44
N HIS B 221 -21.74 -8.30 3.90
CA HIS B 221 -22.32 -7.19 4.65
C HIS B 221 -21.39 -6.72 5.77
N ARG B 222 -20.08 -6.83 5.55
CA ARG B 222 -19.08 -6.32 6.47
C ARG B 222 -18.15 -5.41 5.67
N ASP B 223 -18.21 -4.11 5.97
CA ASP B 223 -17.38 -3.11 5.31
C ASP B 223 -15.93 -3.55 5.11
N TYR B 224 -15.40 -4.36 6.04
CA TYR B 224 -14.01 -4.84 5.99
C TYR B 224 -13.67 -5.47 4.66
N PHE B 225 -14.57 -6.32 4.17
CA PHE B 225 -14.26 -7.27 3.13
C PHE B 225 -14.80 -6.84 1.79
N ASP B 226 -15.29 -5.60 1.69
CA ASP B 226 -15.89 -5.09 0.47
C ASP B 226 -15.03 -3.98 -0.09
N LEU B 227 -14.81 -4.01 -1.40
CA LEU B 227 -14.05 -3.00 -2.13
C LEU B 227 -15.00 -2.30 -3.09
N SER B 228 -14.80 -1.00 -3.25
CA SER B 228 -15.67 -0.18 -4.08
C SER B 228 -15.00 0.37 -5.32
N ILE B 229 -13.68 0.54 -5.28
CA ILE B 229 -12.93 1.02 -6.44
C ILE B 229 -13.26 0.17 -7.66
N VAL B 230 -13.69 -1.06 -7.46
CA VAL B 230 -13.99 -1.99 -8.53
C VAL B 230 -15.47 -1.91 -8.91
#